data_9OG1
#
_entry.id   9OG1
#
_cell.length_a   1.00
_cell.length_b   1.00
_cell.length_c   1.00
_cell.angle_alpha   90.00
_cell.angle_beta   90.00
_cell.angle_gamma   90.00
#
_symmetry.space_group_name_H-M   'P 1'
#
loop_
_entity.id
_entity.type
_entity.pdbx_description
1 polymer A28L
2 polymer 'Monoclonal antibody 02M12 heavy chain'
3 polymer 'Monoclonal antibody 02M12 light chain'
#
loop_
_entity_poly.entity_id
_entity_poly.type
_entity_poly.pdbx_seq_one_letter_code
_entity_poly.pdbx_strand_id
1 'polypeptide(L)'
;MANIINLWNGIVPTVQDVNVASITAFKSMIDETWDKKIEANTCISRKHRNIIHEVIRDFMKAYPKMDENRKSPLGAPMQW
LTQYYILKNEYHKTMLAYDDGSLNTKFKTLNIYMITNVGQYILYIVFCIISGKNHDGTPYIYDSEITSNDKNLINDRIKY
ACKQILHGQLTMALRIRNKFMFIGSPMYLWFNVNGSHVYHEIYDRNVGFHNKEIGRLLYAFMYYLSISGRFLNDLALLKF
TYLGESWTFSLSVPEYILYGLGYSVFDTIEKFSNDAILVYIRTNNRNGYDYAEFNKKGIVKVTEDKPDNDKRIHAIRLIN
YSSDVQHIHFGFRNTLIIDNECTSIQSSAENATDTGHHQDSKINIEGSLEVLFQGPGHHHHHHHHSAWSHPQFEKGGASG
GGGSGGSAWSNPQFEK
;
A
2 'polypeptide(L)'
;(PCA)VQLVQSGAEVKKPGASVKVSCKASGYTFTGYYMHWVRQAPGQGLEWMGWINPNTGGTNYAQKFQGRVTMTRDTSI
NTAYMDLSRLRSDDTAVYYCARGWRYSYLDCFDPWGQGTLVIVSSASTKGP
;
B
3 'polypeptide(L)'
;AIQMTQSPSSVSASVGDRVTITCRASQGISIWLAWYQQKPGKAPKLLINAASSLQSGVPSRFSGSGSGTDFTLTISSLQP
EDFATYYCQQANSFPYTFGQGTKLEIKRTVAA
;
C
#
# COMPACT_ATOMS: atom_id res chain seq x y z
N VAL A 20 2.07 20.65 -5.42
CA VAL A 20 2.78 21.90 -5.61
C VAL A 20 4.13 21.86 -4.90
N ALA A 21 4.13 21.26 -3.71
CA ALA A 21 5.37 21.10 -2.95
C ALA A 21 6.35 20.19 -3.68
N SER A 22 5.84 19.10 -4.27
CA SER A 22 6.69 18.21 -5.04
C SER A 22 7.26 18.91 -6.27
N ILE A 23 6.46 19.76 -6.92
CA ILE A 23 6.94 20.50 -8.08
C ILE A 23 8.00 21.52 -7.68
N THR A 24 7.81 22.17 -6.53
CA THR A 24 8.81 23.11 -6.03
C THR A 24 10.12 22.39 -5.72
N ALA A 25 10.03 21.22 -5.09
CA ALA A 25 11.21 20.42 -4.80
C ALA A 25 11.90 19.97 -6.08
N PHE A 26 11.10 19.61 -7.10
CA PHE A 26 11.67 19.22 -8.39
C PHE A 26 12.41 20.38 -9.04
N LYS A 27 11.81 21.57 -9.00
CA LYS A 27 12.49 22.75 -9.59
C LYS A 27 13.80 22.98 -8.84
N SER A 28 13.75 23.00 -7.51
CA SER A 28 14.94 23.26 -6.72
C SER A 28 16.04 22.25 -7.03
N MET A 29 15.67 20.96 -7.16
CA MET A 29 16.64 19.92 -7.46
C MET A 29 17.25 20.13 -8.85
N ILE A 30 16.43 20.47 -9.84
CA ILE A 30 16.93 20.68 -11.19
C ILE A 30 17.84 21.90 -11.24
N ASP A 31 17.47 22.98 -10.56
CA ASP A 31 18.31 24.18 -10.54
C ASP A 31 19.63 23.93 -9.81
N GLU A 32 19.59 23.14 -8.73
CA GLU A 32 20.81 22.89 -7.96
C GLU A 32 21.73 21.89 -8.64
N THR A 33 21.19 20.96 -9.42
CA THR A 33 22.00 19.91 -10.03
C THR A 33 22.21 20.11 -11.53
N TRP A 34 22.00 21.32 -12.04
CA TRP A 34 22.12 21.56 -13.48
C TRP A 34 23.57 21.72 -13.93
N ASP A 35 24.50 21.94 -13.01
CA ASP A 35 25.91 22.08 -13.34
C ASP A 35 26.78 20.96 -12.82
N LYS A 36 26.25 20.07 -11.97
CA LYS A 36 27.03 18.94 -11.48
C LYS A 36 27.24 17.92 -12.58
N LYS A 37 28.49 17.69 -12.96
CA LYS A 37 28.81 16.84 -14.09
C LYS A 37 28.77 15.37 -13.67
N ILE A 38 28.15 14.54 -14.51
CA ILE A 38 28.13 13.09 -14.29
C ILE A 38 29.54 12.56 -14.47
N GLU A 39 30.11 12.02 -13.40
CA GLU A 39 31.48 11.52 -13.39
C GLU A 39 31.47 10.06 -12.93
N ALA A 40 32.68 9.54 -12.73
CA ALA A 40 32.81 8.19 -12.20
C ALA A 40 32.38 8.14 -10.74
N ASN A 41 31.68 7.06 -10.38
CA ASN A 41 31.23 6.80 -9.01
C ASN A 41 30.33 7.93 -8.50
N THR A 42 29.47 8.45 -9.36
CA THR A 42 28.48 9.43 -8.96
C THR A 42 27.16 8.74 -8.66
N CYS A 43 26.32 9.38 -7.85
CA CYS A 43 25.04 8.80 -7.47
C CYS A 43 24.06 9.91 -7.12
N ILE A 44 22.78 9.58 -7.20
CA ILE A 44 21.72 10.52 -6.85
C ILE A 44 21.42 10.39 -5.37
N SER A 45 21.39 11.53 -4.67
CA SER A 45 21.21 11.53 -3.22
C SER A 45 19.81 11.06 -2.84
N ARG A 46 19.65 10.76 -1.55
CA ARG A 46 18.36 10.26 -1.06
C ARG A 46 17.28 11.32 -1.17
N LYS A 47 17.63 12.59 -0.94
CA LYS A 47 16.65 13.66 -1.05
C LYS A 47 16.12 13.78 -2.47
N HIS A 48 17.01 13.73 -3.46
CA HIS A 48 16.59 13.85 -4.86
C HIS A 48 15.80 12.63 -5.29
N ARG A 49 16.19 11.44 -4.82
CA ARG A 49 15.43 10.23 -5.13
C ARG A 49 14.03 10.30 -4.55
N ASN A 50 13.90 10.81 -3.32
CA ASN A 50 12.57 10.96 -2.72
C ASN A 50 11.75 12.02 -3.46
N ILE A 51 12.40 13.07 -3.95
CA ILE A 51 11.70 14.08 -4.75
C ILE A 51 11.15 13.46 -6.03
N ILE A 52 11.98 12.67 -6.72
CA ILE A 52 11.55 12.00 -7.95
C ILE A 52 10.42 11.03 -7.67
N HIS A 53 10.54 10.27 -6.58
CA HIS A 53 9.51 9.32 -6.18
C HIS A 53 8.20 10.02 -5.89
N GLU A 54 8.25 11.15 -5.19
CA GLU A 54 7.04 11.90 -4.87
C GLU A 54 6.43 12.50 -6.12
N VAL A 55 7.26 12.94 -7.07
CA VAL A 55 6.75 13.48 -8.33
C VAL A 55 6.00 12.40 -9.10
N ILE A 56 6.59 11.19 -9.18
CA ILE A 56 5.93 10.08 -9.89
C ILE A 56 4.65 9.69 -9.19
N ARG A 57 4.66 9.63 -7.86
CA ARG A 57 3.46 9.24 -7.12
C ARG A 57 2.34 10.28 -7.28
N ASP A 58 2.68 11.57 -7.26
CA ASP A 58 1.67 12.60 -7.45
C ASP A 58 1.14 12.60 -8.89
N PHE A 59 2.01 12.29 -9.86
CA PHE A 59 1.57 12.15 -11.24
C PHE A 59 0.59 10.99 -11.38
N MET A 60 0.84 9.89 -10.68
CA MET A 60 -0.11 8.78 -10.68
C MET A 60 -1.41 9.15 -9.97
N LYS A 61 -1.33 9.88 -8.86
CA LYS A 61 -2.48 10.19 -8.04
C LYS A 61 -3.37 11.29 -8.62
N ALA A 62 -2.84 12.12 -9.52
CA ALA A 62 -3.63 13.21 -10.07
C ALA A 62 -4.84 12.71 -10.85
N TYR A 63 -4.66 11.65 -11.65
CA TYR A 63 -5.74 11.01 -12.39
C TYR A 63 -5.68 9.52 -12.13
N PRO A 64 -6.20 9.06 -10.99
CA PRO A 64 -6.04 7.64 -10.61
C PRO A 64 -6.73 6.66 -11.53
N LYS A 65 -8.04 6.84 -11.74
CA LYS A 65 -8.82 5.94 -12.58
C LYS A 65 -8.92 6.50 -13.99
N MET A 66 -9.75 5.87 -14.82
CA MET A 66 -9.98 6.30 -16.18
C MET A 66 -11.47 6.49 -16.42
N ASP A 67 -11.80 7.35 -17.37
CA ASP A 67 -13.19 7.60 -17.71
C ASP A 67 -13.82 6.39 -18.38
N GLU A 68 -15.11 6.18 -18.12
CA GLU A 68 -15.81 5.03 -18.68
C GLU A 68 -16.04 5.15 -20.18
N ASN A 69 -15.97 6.36 -20.73
CA ASN A 69 -16.12 6.53 -22.17
C ASN A 69 -14.98 5.86 -22.94
N ARG A 70 -13.75 6.00 -22.43
CA ARG A 70 -12.55 5.42 -23.04
C ARG A 70 -11.89 4.53 -21.98
N LYS A 71 -12.25 3.25 -21.98
CA LYS A 71 -11.76 2.31 -20.99
C LYS A 71 -11.04 1.15 -21.69
N SER A 72 -9.93 0.71 -21.10
CA SER A 72 -9.15 -0.38 -21.65
C SER A 72 -9.76 -1.70 -21.21
N PRO A 73 -10.17 -2.58 -22.14
CA PRO A 73 -10.73 -3.87 -21.73
C PRO A 73 -9.71 -4.82 -21.14
N LEU A 74 -8.42 -4.61 -21.39
CA LEU A 74 -7.36 -5.48 -20.92
C LEU A 74 -6.94 -5.19 -19.49
N GLY A 75 -7.46 -4.11 -18.89
CA GLY A 75 -6.99 -3.70 -17.58
C GLY A 75 -5.69 -2.94 -17.58
N ALA A 76 -5.17 -2.58 -18.76
CA ALA A 76 -3.93 -1.83 -18.83
C ALA A 76 -4.12 -0.41 -18.30
N PRO A 77 -3.17 0.11 -17.54
CA PRO A 77 -3.31 1.48 -16.97
C PRO A 77 -3.09 2.57 -18.02
N MET A 78 -4.10 2.78 -18.86
CA MET A 78 -4.02 3.79 -19.90
C MET A 78 -4.04 5.22 -19.37
N GLN A 79 -4.42 5.41 -18.10
CA GLN A 79 -4.53 6.76 -17.56
C GLN A 79 -3.17 7.41 -17.31
N TRP A 80 -2.08 6.64 -17.40
CA TRP A 80 -0.74 7.18 -17.22
C TRP A 80 0.17 6.92 -18.41
N LEU A 81 -0.36 6.36 -19.50
CA LEU A 81 0.44 6.06 -20.68
C LEU A 81 -0.05 6.73 -21.95
N THR A 82 -1.26 7.28 -21.97
CA THR A 82 -1.87 7.82 -23.18
C THR A 82 -1.90 9.34 -23.11
N GLN A 83 -1.60 9.98 -24.24
CA GLN A 83 -1.60 11.44 -24.30
C GLN A 83 -2.99 12.03 -24.06
N TYR A 84 -4.04 11.23 -24.25
CA TYR A 84 -5.40 11.69 -23.94
C TYR A 84 -5.57 11.93 -22.44
N TYR A 85 -4.79 11.25 -21.61
CA TYR A 85 -4.87 11.42 -20.17
C TYR A 85 -3.72 12.23 -19.59
N ILE A 86 -2.60 12.34 -20.31
CA ILE A 86 -1.49 13.16 -19.83
C ILE A 86 -1.85 14.64 -19.89
N LEU A 87 -2.44 15.07 -21.01
CA LEU A 87 -2.83 16.47 -21.15
C LEU A 87 -4.03 16.83 -20.29
N LYS A 88 -4.82 15.85 -19.88
CA LYS A 88 -5.90 16.07 -18.91
C LYS A 88 -5.39 16.09 -17.49
N ASN A 89 -4.21 15.52 -17.24
CA ASN A 89 -3.64 15.50 -15.90
C ASN A 89 -3.23 16.89 -15.48
N GLU A 90 -3.69 17.31 -14.30
CA GLU A 90 -3.38 18.66 -13.82
C GLU A 90 -1.96 18.78 -13.31
N TYR A 91 -1.41 17.69 -12.75
CA TYR A 91 -0.04 17.72 -12.26
C TYR A 91 0.95 17.91 -13.41
N HIS A 92 0.68 17.30 -14.56
CA HIS A 92 1.54 17.48 -15.72
C HIS A 92 1.50 18.92 -16.22
N LYS A 93 0.31 19.52 -16.25
CA LYS A 93 0.18 20.91 -16.69
C LYS A 93 0.89 21.85 -15.72
N THR A 94 0.76 21.61 -14.42
CA THR A 94 1.44 22.45 -13.45
C THR A 94 2.95 22.27 -13.52
N MET A 95 3.42 21.05 -13.77
CA MET A 95 4.86 20.82 -13.93
C MET A 95 5.40 21.54 -15.16
N LEU A 96 4.63 21.54 -16.25
CA LEU A 96 5.08 22.21 -17.46
C LEU A 96 4.88 23.72 -17.44
N ALA A 97 4.07 24.25 -16.52
CA ALA A 97 3.86 25.69 -16.48
C ALA A 97 4.11 26.28 -15.09
N TYR A 98 4.99 25.65 -14.32
CA TYR A 98 5.35 26.19 -13.00
C TYR A 98 5.93 27.60 -13.10
N ASP A 99 7.08 27.75 -13.77
CA ASP A 99 7.73 29.06 -13.91
C ASP A 99 8.02 29.30 -15.39
N ASP A 100 7.01 29.77 -16.12
CA ASP A 100 7.13 30.16 -17.53
C ASP A 100 7.67 29.02 -18.40
N GLY A 101 7.41 27.78 -17.98
CA GLY A 101 7.93 26.62 -18.68
C GLY A 101 9.44 26.55 -18.69
N SER A 102 10.10 26.98 -17.60
CA SER A 102 11.56 26.91 -17.54
C SER A 102 12.04 25.47 -17.57
N LEU A 103 11.35 24.58 -16.84
CA LEU A 103 11.66 23.16 -16.94
C LEU A 103 11.31 22.61 -18.31
N ASN A 104 10.22 23.11 -18.91
CA ASN A 104 9.83 22.67 -20.24
C ASN A 104 10.81 23.18 -21.30
N THR A 105 11.32 24.39 -21.12
CA THR A 105 12.29 24.93 -22.07
C THR A 105 13.60 24.15 -22.04
N LYS A 106 14.06 23.78 -20.84
CA LYS A 106 15.28 22.99 -20.73
C LYS A 106 15.09 21.58 -21.26
N PHE A 107 13.87 21.06 -21.19
CA PHE A 107 13.60 19.70 -21.65
C PHE A 107 13.75 19.57 -23.16
N LYS A 108 13.39 20.61 -23.91
CA LYS A 108 13.41 20.53 -25.37
C LYS A 108 14.81 20.54 -25.96
N THR A 109 15.84 20.82 -25.17
CA THR A 109 17.23 20.82 -25.64
C THR A 109 18.00 19.65 -25.05
N LEU A 110 17.32 18.58 -24.69
CA LEU A 110 17.93 17.42 -24.05
C LEU A 110 17.59 16.17 -24.85
N ASN A 111 18.60 15.34 -25.13
CA ASN A 111 18.41 14.05 -25.75
C ASN A 111 19.26 13.01 -25.05
N ILE A 112 19.21 11.78 -25.58
CA ILE A 112 19.94 10.66 -24.96
C ILE A 112 21.45 10.85 -25.09
N TYR A 113 21.92 11.30 -26.26
CA TYR A 113 23.38 11.33 -26.50
C TYR A 113 24.01 12.70 -26.20
N MET A 114 23.31 13.59 -25.51
CA MET A 114 23.92 14.86 -25.14
C MET A 114 23.99 15.11 -23.64
N ILE A 115 23.41 14.25 -22.80
CA ILE A 115 23.37 14.52 -21.36
C ILE A 115 24.76 14.32 -20.77
N THR A 116 25.24 15.35 -20.06
CA THR A 116 26.50 15.27 -19.33
C THR A 116 26.37 15.75 -17.89
N ASN A 117 25.15 16.04 -17.42
CA ASN A 117 24.93 16.55 -16.07
C ASN A 117 23.85 15.73 -15.39
N VAL A 118 23.90 15.72 -14.05
CA VAL A 118 22.94 14.95 -13.27
C VAL A 118 21.54 15.53 -13.41
N GLY A 119 21.42 16.86 -13.36
CA GLY A 119 20.12 17.50 -13.48
C GLY A 119 19.49 17.27 -14.84
N GLN A 120 20.29 17.27 -15.90
CA GLN A 120 19.79 16.96 -17.24
C GLN A 120 19.26 15.54 -17.30
N TYR A 121 20.00 14.59 -16.71
CA TYR A 121 19.56 13.20 -16.64
C TYR A 121 18.21 13.08 -15.93
N ILE A 122 18.11 13.68 -14.74
CA ILE A 122 16.88 13.60 -13.96
C ILE A 122 15.72 14.23 -14.70
N LEU A 123 15.94 15.44 -15.25
CA LEU A 123 14.87 16.15 -15.95
C LEU A 123 14.39 15.37 -17.16
N TYR A 124 15.32 14.84 -17.96
CA TYR A 124 14.95 14.12 -19.17
C TYR A 124 14.16 12.85 -18.83
N ILE A 125 14.67 12.05 -17.88
CA ILE A 125 13.99 10.79 -17.57
C ILE A 125 12.63 11.04 -16.95
N VAL A 126 12.54 11.97 -15.98
CA VAL A 126 11.27 12.21 -15.30
C VAL A 126 10.26 12.83 -16.24
N PHE A 127 10.69 13.77 -17.10
CA PHE A 127 9.75 14.40 -18.02
C PHE A 127 9.30 13.44 -19.11
N CYS A 128 10.17 12.51 -19.53
CA CYS A 128 9.72 11.48 -20.45
C CYS A 128 8.75 10.51 -19.80
N ILE A 129 8.92 10.25 -18.50
CA ILE A 129 7.99 9.38 -17.79
C ILE A 129 6.62 10.06 -17.65
N ILE A 130 6.61 11.32 -17.22
CA ILE A 130 5.34 11.97 -16.89
C ILE A 130 4.58 12.48 -18.11
N SER A 131 5.26 12.64 -19.25
CA SER A 131 4.59 13.05 -20.48
C SER A 131 4.14 11.88 -21.33
N GLY A 132 4.44 10.65 -20.91
CA GLY A 132 4.06 9.48 -21.68
C GLY A 132 4.72 9.38 -23.03
N LYS A 133 5.96 9.82 -23.16
CA LYS A 133 6.70 9.78 -24.41
C LYS A 133 8.01 9.03 -24.21
N ASN A 134 8.39 8.25 -25.22
CA ASN A 134 9.67 7.56 -25.19
C ASN A 134 10.81 8.54 -25.50
N HIS A 135 12.03 8.01 -25.47
CA HIS A 135 13.20 8.84 -25.79
C HIS A 135 13.27 9.18 -27.26
N ASP A 136 12.65 8.37 -28.12
CA ASP A 136 12.59 8.71 -29.54
C ASP A 136 11.66 9.89 -29.78
N GLY A 137 10.54 9.92 -29.08
CA GLY A 137 9.58 11.01 -29.23
C GLY A 137 8.15 10.50 -29.38
N THR A 138 8.01 9.22 -29.69
CA THR A 138 6.69 8.62 -29.84
C THR A 138 6.04 8.40 -28.48
N PRO A 139 4.71 8.47 -28.42
CA PRO A 139 4.02 8.18 -27.17
C PRO A 139 4.11 6.70 -26.82
N TYR A 140 3.92 6.40 -25.52
CA TYR A 140 3.95 5.02 -25.06
C TYR A 140 2.86 4.19 -25.72
N ILE A 141 1.62 4.66 -25.64
CA ILE A 141 0.48 4.04 -26.30
C ILE A 141 -0.32 5.15 -26.96
N TYR A 142 -0.59 5.00 -28.26
CA TYR A 142 -1.28 6.03 -29.01
C TYR A 142 -2.73 6.18 -28.55
N ASP A 143 -3.30 7.35 -28.81
CA ASP A 143 -4.67 7.63 -28.40
C ASP A 143 -5.70 6.80 -29.16
N SER A 144 -5.34 6.26 -30.32
CA SER A 144 -6.25 5.44 -31.10
C SER A 144 -6.19 3.97 -30.73
N GLU A 145 -5.38 3.59 -29.75
CA GLU A 145 -5.23 2.19 -29.36
C GLU A 145 -5.61 1.96 -27.90
N ILE A 146 -6.42 2.86 -27.32
CA ILE A 146 -6.84 2.70 -25.94
C ILE A 146 -7.80 1.52 -25.77
N THR A 147 -8.76 1.36 -26.69
CA THR A 147 -9.76 0.31 -26.60
C THR A 147 -9.46 -0.87 -27.52
N SER A 148 -8.24 -0.96 -28.04
CA SER A 148 -7.86 -2.06 -28.91
C SER A 148 -7.68 -3.33 -28.08
N ASN A 149 -8.31 -4.42 -28.53
CA ASN A 149 -8.26 -5.68 -27.81
C ASN A 149 -7.05 -6.53 -28.16
N ASP A 150 -6.20 -6.06 -29.07
CA ASP A 150 -5.00 -6.80 -29.43
C ASP A 150 -4.02 -6.76 -28.27
N LYS A 151 -3.87 -7.91 -27.59
CA LYS A 151 -2.99 -7.97 -26.43
C LYS A 151 -1.52 -7.82 -26.83
N ASN A 152 -1.13 -8.37 -27.98
CA ASN A 152 0.26 -8.34 -28.39
C ASN A 152 0.75 -6.92 -28.62
N LEU A 153 -0.09 -6.07 -29.23
CA LEU A 153 0.31 -4.69 -29.53
C LEU A 153 0.56 -3.90 -28.24
N ILE A 154 -0.40 -3.94 -27.31
CA ILE A 154 -0.26 -3.19 -26.06
C ILE A 154 0.89 -3.73 -25.23
N ASN A 155 1.03 -5.06 -25.16
CA ASN A 155 2.13 -5.65 -24.40
C ASN A 155 3.48 -5.28 -24.99
N ASP A 156 3.59 -5.30 -26.32
CA ASP A 156 4.84 -4.92 -26.97
C ASP A 156 5.15 -3.44 -26.74
N ARG A 157 4.12 -2.59 -26.77
CA ARG A 157 4.35 -1.16 -26.51
C ARG A 157 4.84 -0.92 -25.10
N ILE A 158 4.22 -1.58 -24.11
CA ILE A 158 4.62 -1.38 -22.71
C ILE A 158 6.03 -1.92 -22.47
N LYS A 159 6.31 -3.12 -22.98
CA LYS A 159 7.64 -3.70 -22.81
C LYS A 159 8.70 -2.86 -23.51
N TYR A 160 8.37 -2.34 -24.70
CA TYR A 160 9.32 -1.50 -25.43
C TYR A 160 9.58 -0.20 -24.67
N ALA A 161 8.54 0.38 -24.05
CA ALA A 161 8.74 1.60 -23.28
C ALA A 161 9.65 1.36 -22.09
N CYS A 162 9.38 0.30 -21.32
CA CYS A 162 10.21 0.00 -20.15
C CYS A 162 11.65 -0.33 -20.56
N LYS A 163 11.80 -1.16 -21.59
CA LYS A 163 13.13 -1.55 -22.05
C LYS A 163 13.87 -0.37 -22.65
N GLN A 164 13.16 0.56 -23.29
CA GLN A 164 13.80 1.74 -23.86
C GLN A 164 14.28 2.68 -22.77
N ILE A 165 13.50 2.84 -21.70
CA ILE A 165 13.95 3.64 -20.56
C ILE A 165 15.21 3.04 -19.96
N LEU A 166 15.19 1.74 -19.68
CA LEU A 166 16.35 1.10 -19.06
C LEU A 166 17.56 1.10 -19.99
N HIS A 167 17.31 0.85 -21.29
CA HIS A 167 18.42 0.84 -22.26
C HIS A 167 19.05 2.24 -22.32
N GLY A 168 18.21 3.27 -22.45
CA GLY A 168 18.75 4.62 -22.52
C GLY A 168 19.58 4.97 -21.30
N GLN A 169 19.12 4.58 -20.11
CA GLN A 169 19.90 4.81 -18.91
C GLN A 169 21.23 4.05 -18.96
N LEU A 170 21.20 2.81 -19.43
CA LEU A 170 22.45 2.05 -19.54
C LEU A 170 23.36 2.59 -20.64
N THR A 171 22.79 3.13 -21.71
CA THR A 171 23.59 3.78 -22.75
C THR A 171 24.30 5.01 -22.20
N MET A 172 23.58 5.81 -21.41
CA MET A 172 24.22 6.95 -20.75
C MET A 172 25.30 6.49 -19.77
N ALA A 173 25.03 5.38 -19.06
CA ALA A 173 26.02 4.84 -18.13
C ALA A 173 27.28 4.41 -18.86
N LEU A 174 27.13 3.79 -20.03
CA LEU A 174 28.29 3.38 -20.82
C LEU A 174 29.04 4.59 -21.38
N ARG A 175 28.31 5.60 -21.85
CA ARG A 175 28.95 6.74 -22.50
C ARG A 175 29.70 7.61 -21.50
N ILE A 176 29.05 7.96 -20.38
CA ILE A 176 29.69 8.85 -19.40
C ILE A 176 30.44 8.08 -18.32
N ARG A 177 30.50 6.75 -18.42
CA ARG A 177 31.28 5.90 -17.51
C ARG A 177 30.83 6.04 -16.06
N ASN A 178 29.55 6.31 -15.85
CA ASN A 178 29.01 6.39 -14.50
C ASN A 178 28.59 5.01 -14.01
N LYS A 179 28.32 4.93 -12.70
CA LYS A 179 28.13 3.65 -12.04
C LYS A 179 26.83 3.54 -11.24
N PHE A 180 26.32 4.63 -10.67
CA PHE A 180 25.17 4.56 -9.77
C PHE A 180 24.10 5.57 -10.16
N MET A 181 23.84 5.74 -11.45
CA MET A 181 22.74 6.55 -11.92
C MET A 181 21.55 5.64 -12.23
N PHE A 182 20.43 5.87 -11.54
CA PHE A 182 19.32 4.93 -11.59
C PHE A 182 18.01 5.65 -11.36
N ILE A 183 17.16 5.68 -12.38
CA ILE A 183 15.77 6.07 -12.27
C ILE A 183 14.95 4.91 -12.80
N GLY A 184 14.36 4.13 -11.90
CA GLY A 184 13.69 2.91 -12.32
C GLY A 184 12.37 3.17 -13.02
N SER A 185 12.01 2.23 -13.89
CA SER A 185 10.74 2.31 -14.59
C SER A 185 9.59 2.12 -13.61
N PRO A 186 8.52 2.91 -13.71
CA PRO A 186 7.45 2.82 -12.71
C PRO A 186 6.65 1.53 -12.76
N MET A 187 5.68 1.39 -11.84
CA MET A 187 4.94 0.15 -11.72
C MET A 187 3.97 -0.08 -12.88
N TYR A 188 3.50 1.00 -13.51
CA TYR A 188 2.49 0.85 -14.55
C TYR A 188 3.10 0.45 -15.89
N LEU A 189 4.42 0.54 -16.04
CA LEU A 189 5.11 0.12 -17.25
C LEU A 189 5.57 -1.33 -17.18
N TRP A 190 5.03 -2.11 -16.24
CA TRP A 190 5.35 -3.53 -16.10
C TRP A 190 4.10 -4.39 -16.21
N PHE A 191 3.13 -3.95 -17.02
CA PHE A 191 1.89 -4.69 -17.20
C PHE A 191 2.15 -5.90 -18.09
N ASN A 192 2.13 -7.09 -17.48
CA ASN A 192 2.36 -8.35 -18.25
C ASN A 192 3.72 -8.26 -18.95
N VAL A 193 4.72 -7.69 -18.29
CA VAL A 193 6.10 -7.61 -18.87
C VAL A 193 7.02 -8.55 -18.08
N ASN A 194 7.55 -9.58 -18.74
CA ASN A 194 8.44 -10.56 -18.04
C ASN A 194 9.78 -9.88 -17.74
N GLY A 195 10.20 -9.89 -16.47
CA GLY A 195 11.49 -9.29 -16.09
C GLY A 195 12.65 -10.07 -16.69
N SER A 196 12.52 -11.39 -16.76
CA SER A 196 13.61 -12.24 -17.30
C SER A 196 13.89 -11.85 -18.76
N HIS A 197 12.83 -11.67 -19.55
CA HIS A 197 13.00 -11.28 -20.98
C HIS A 197 13.75 -9.95 -21.05
N VAL A 198 13.37 -8.99 -20.21
CA VAL A 198 14.02 -7.65 -20.20
C VAL A 198 15.52 -7.84 -19.94
N TYR A 199 15.87 -8.62 -18.92
CA TYR A 199 17.31 -8.81 -18.55
C TYR A 199 18.04 -9.53 -19.70
N HIS A 200 17.41 -10.56 -20.27
CA HIS A 200 18.07 -11.33 -21.31
C HIS A 200 17.99 -10.68 -22.69
N GLU A 201 17.30 -9.55 -22.81
CA GLU A 201 17.32 -8.76 -24.04
C GLU A 201 18.22 -7.54 -23.96
N ILE A 202 18.35 -6.92 -22.79
CA ILE A 202 19.23 -5.77 -22.62
C ILE A 202 20.68 -6.19 -22.47
N TYR A 203 20.94 -7.23 -21.66
CA TYR A 203 22.30 -7.65 -21.39
C TYR A 203 22.80 -8.74 -22.35
N ASP A 204 22.00 -9.14 -23.33
CA ASP A 204 22.51 -10.06 -24.35
C ASP A 204 23.46 -9.35 -25.29
N ARG A 205 23.10 -8.13 -25.68
CA ARG A 205 24.01 -7.31 -26.51
C ARG A 205 24.67 -6.26 -25.61
N ASN A 206 25.51 -5.40 -26.18
CA ASN A 206 26.26 -4.40 -25.35
C ASN A 206 26.92 -5.12 -24.18
N VAL A 207 27.85 -6.04 -24.47
CA VAL A 207 28.52 -6.84 -23.39
C VAL A 207 29.16 -5.86 -22.39
N GLY A 208 29.53 -4.67 -22.85
CA GLY A 208 30.11 -3.67 -21.94
C GLY A 208 29.22 -3.46 -20.72
N PHE A 209 27.91 -3.58 -20.91
CA PHE A 209 26.96 -3.37 -19.77
C PHE A 209 27.32 -4.34 -18.64
N HIS A 210 28.03 -5.44 -18.94
CA HIS A 210 28.31 -6.42 -17.90
C HIS A 210 29.50 -6.03 -17.05
N ASN A 211 30.20 -4.96 -17.42
CA ASN A 211 31.34 -4.49 -16.64
C ASN A 211 30.88 -4.00 -15.27
N LYS A 212 31.70 -4.28 -14.25
CA LYS A 212 31.35 -3.90 -12.89
C LYS A 212 31.43 -2.40 -12.65
N GLU A 213 32.04 -1.64 -13.56
CA GLU A 213 32.13 -0.20 -13.43
C GLU A 213 31.03 0.54 -14.17
N ILE A 214 30.14 -0.17 -14.88
CA ILE A 214 29.09 0.45 -15.68
C ILE A 214 27.75 -0.10 -15.22
N GLY A 215 26.88 0.81 -14.76
CA GLY A 215 25.49 0.51 -14.45
C GLY A 215 25.24 -0.63 -13.48
N ARG A 216 25.61 -0.45 -12.21
CA ARG A 216 25.43 -1.51 -11.22
C ARG A 216 24.05 -1.48 -10.58
N LEU A 217 23.50 -0.29 -10.31
CA LEU A 217 22.19 -0.20 -9.69
C LEU A 217 21.09 -0.65 -10.65
N LEU A 218 21.23 -0.33 -11.94
CA LEU A 218 20.29 -0.83 -12.93
C LEU A 218 20.38 -2.35 -13.04
N TYR A 219 21.60 -2.89 -12.96
CA TYR A 219 21.77 -4.34 -12.98
C TYR A 219 21.11 -4.99 -11.77
N ALA A 220 21.24 -4.38 -10.60
CA ALA A 220 20.57 -4.91 -9.41
C ALA A 220 19.05 -4.83 -9.54
N PHE A 221 18.55 -3.74 -10.15
CA PHE A 221 17.11 -3.58 -10.32
C PHE A 221 16.55 -4.62 -11.28
N MET A 222 17.23 -4.84 -12.40
CA MET A 222 16.74 -5.78 -13.40
C MET A 222 16.96 -7.24 -13.00
N TYR A 223 18.03 -7.55 -12.28
CA TYR A 223 18.28 -8.93 -11.86
C TYR A 223 17.25 -9.37 -10.83
N TYR A 224 16.87 -8.48 -9.91
CA TYR A 224 15.86 -8.82 -8.91
C TYR A 224 14.50 -9.06 -9.55
N LEU A 225 14.14 -8.26 -10.56
CA LEU A 225 12.86 -8.45 -11.23
C LEU A 225 12.89 -9.56 -12.28
N SER A 226 14.06 -10.13 -12.56
CA SER A 226 14.15 -11.30 -13.42
C SER A 226 14.03 -12.60 -12.66
N ILE A 227 14.27 -12.59 -11.34
CA ILE A 227 14.13 -13.77 -10.51
C ILE A 227 12.83 -13.77 -9.71
N SER A 228 12.15 -12.63 -9.60
CA SER A 228 10.89 -12.53 -8.87
C SER A 228 9.88 -11.83 -9.77
N GLY A 229 8.81 -12.54 -10.12
CA GLY A 229 7.80 -11.97 -10.99
C GLY A 229 6.87 -11.02 -10.26
N ARG A 230 6.01 -10.38 -11.06
CA ARG A 230 5.02 -9.46 -10.50
C ARG A 230 4.00 -10.21 -9.66
N PHE A 231 3.54 -11.35 -10.14
CA PHE A 231 2.56 -12.18 -9.45
C PHE A 231 3.16 -13.55 -9.20
N LEU A 232 3.12 -13.99 -7.95
CA LEU A 232 3.74 -15.25 -7.53
C LEU A 232 2.71 -16.26 -7.03
N ASN A 233 1.42 -15.95 -7.13
CA ASN A 233 0.30 -16.82 -6.76
C ASN A 233 0.42 -17.17 -5.27
N ASP A 234 0.45 -18.45 -4.90
CA ASP A 234 0.42 -18.86 -3.51
C ASP A 234 1.78 -18.81 -2.82
N LEU A 235 2.85 -18.53 -3.56
CA LEU A 235 4.17 -18.44 -2.96
C LEU A 235 4.50 -17.04 -2.46
N ALA A 236 3.57 -16.10 -2.58
CA ALA A 236 3.81 -14.72 -2.16
C ALA A 236 3.71 -14.58 -0.66
N LEU A 237 4.70 -13.92 -0.07
CA LEU A 237 4.71 -13.64 1.36
C LEU A 237 4.46 -12.17 1.67
N LEU A 238 4.31 -11.32 0.65
CA LEU A 238 4.10 -9.90 0.82
C LEU A 238 3.50 -9.34 -0.45
N LYS A 239 2.61 -8.36 -0.30
CA LYS A 239 1.94 -7.77 -1.45
C LYS A 239 1.74 -6.28 -1.22
N PHE A 240 2.00 -5.48 -2.25
CA PHE A 240 1.76 -4.05 -2.23
C PHE A 240 0.53 -3.70 -3.07
N THR A 241 0.01 -2.50 -2.81
CA THR A 241 -1.14 -2.00 -3.55
C THR A 241 -1.09 -0.48 -3.56
N TYR A 242 -1.17 0.11 -4.75
CA TYR A 242 -1.17 1.56 -4.88
C TYR A 242 -1.97 1.93 -6.12
N LEU A 243 -3.18 2.45 -5.90
CA LEU A 243 -4.07 2.91 -6.97
C LEU A 243 -4.36 1.82 -7.99
N GLY A 244 -4.65 0.61 -7.50
CA GLY A 244 -5.01 -0.49 -8.35
C GLY A 244 -3.85 -1.26 -8.94
N GLU A 245 -2.62 -0.90 -8.62
CA GLU A 245 -1.43 -1.59 -9.10
C GLU A 245 -0.86 -2.42 -7.96
N SER A 246 -0.65 -3.71 -8.21
CA SER A 246 -0.22 -4.64 -7.18
C SER A 246 1.12 -5.27 -7.56
N TRP A 247 1.84 -5.74 -6.55
CA TRP A 247 3.11 -6.42 -6.76
C TRP A 247 3.35 -7.37 -5.59
N THR A 248 3.75 -8.60 -5.88
CA THR A 248 3.93 -9.64 -4.88
C THR A 248 5.42 -9.94 -4.73
N PHE A 249 5.90 -9.95 -3.49
CA PHE A 249 7.30 -10.21 -3.19
C PHE A 249 7.41 -11.45 -2.32
N SER A 250 8.40 -12.29 -2.62
CA SER A 250 8.70 -13.47 -1.81
C SER A 250 10.01 -13.37 -1.05
N LEU A 251 10.93 -12.53 -1.50
CA LEU A 251 12.21 -12.30 -0.85
C LEU A 251 12.23 -10.92 -0.22
N SER A 252 13.39 -10.54 0.30
CA SER A 252 13.57 -9.19 0.83
C SER A 252 13.52 -8.18 -0.31
N VAL A 253 12.92 -7.02 -0.05
CA VAL A 253 12.73 -5.98 -1.05
C VAL A 253 13.71 -4.85 -0.73
N PRO A 254 14.76 -4.66 -1.52
CA PRO A 254 15.70 -3.58 -1.26
C PRO A 254 15.12 -2.22 -1.59
N GLU A 255 15.88 -1.18 -1.26
CA GLU A 255 15.41 0.19 -1.45
C GLU A 255 15.27 0.53 -2.93
N TYR A 256 16.19 0.04 -3.77
CA TYR A 256 16.16 0.41 -5.18
C TYR A 256 14.94 -0.17 -5.90
N ILE A 257 14.48 -1.35 -5.47
CA ILE A 257 13.30 -1.95 -6.10
C ILE A 257 12.06 -1.11 -5.82
N LEU A 258 11.84 -0.74 -4.56
CA LEU A 258 10.68 0.08 -4.21
C LEU A 258 10.80 1.49 -4.77
N TYR A 259 12.02 2.02 -4.87
CA TYR A 259 12.22 3.34 -5.44
C TYR A 259 11.91 3.34 -6.93
N GLY A 260 12.43 2.36 -7.67
CA GLY A 260 12.16 2.29 -9.09
C GLY A 260 10.72 1.99 -9.42
N LEU A 261 10.11 1.03 -8.71
CA LEU A 261 8.73 0.67 -9.01
C LEU A 261 7.75 1.76 -8.61
N GLY A 262 8.11 2.56 -7.61
CA GLY A 262 7.25 3.63 -7.15
C GLY A 262 6.42 3.33 -5.93
N TYR A 263 6.64 2.20 -5.28
CA TYR A 263 5.90 1.85 -4.07
C TYR A 263 6.57 2.47 -2.85
N SER A 264 5.76 2.75 -1.83
CA SER A 264 6.23 3.31 -0.58
C SER A 264 5.78 2.43 0.58
N VAL A 265 6.54 2.48 1.67
CA VAL A 265 6.23 1.66 2.83
C VAL A 265 4.98 2.16 3.56
N PHE A 266 4.52 3.37 3.25
CA PHE A 266 3.31 3.93 3.84
C PHE A 266 2.05 3.51 3.08
N ASP A 267 2.20 2.71 2.02
CA ASP A 267 1.07 2.22 1.27
C ASP A 267 0.49 0.97 1.92
N THR A 268 -0.47 0.34 1.25
CA THR A 268 -1.11 -0.86 1.77
C THR A 268 -0.21 -2.07 1.56
N ILE A 269 0.15 -2.74 2.64
CA ILE A 269 1.01 -3.92 2.61
C ILE A 269 0.23 -5.10 3.18
N GLU A 270 0.16 -6.18 2.41
CA GLU A 270 -0.63 -7.38 2.83
C GLU A 270 0.31 -8.55 3.12
N LYS A 271 0.35 -9.01 4.36
CA LYS A 271 1.18 -10.14 4.77
C LYS A 271 0.40 -11.44 4.65
N PHE A 272 0.92 -12.38 3.87
CA PHE A 272 0.29 -13.69 3.71
C PHE A 272 0.92 -14.76 4.58
N SER A 273 1.92 -14.43 5.38
CA SER A 273 2.64 -15.40 6.19
C SER A 273 2.89 -14.82 7.57
N ASN A 274 3.24 -15.71 8.51
CA ASN A 274 3.58 -15.34 9.88
C ASN A 274 5.04 -14.96 10.03
N ASP A 275 5.81 -14.96 8.95
CA ASP A 275 7.20 -14.56 9.01
C ASP A 275 7.33 -13.07 9.32
N ALA A 276 8.35 -12.75 10.12
CA ALA A 276 8.55 -11.38 10.58
C ALA A 276 9.22 -10.54 9.51
N ILE A 277 8.69 -9.35 9.29
CA ILE A 277 9.25 -8.40 8.34
C ILE A 277 9.74 -7.18 9.10
N LEU A 278 10.71 -6.48 8.52
CA LEU A 278 11.25 -5.24 9.08
C LEU A 278 11.02 -4.13 8.06
N VAL A 279 9.99 -3.32 8.31
CA VAL A 279 9.60 -2.25 7.40
C VAL A 279 10.39 -0.99 7.80
N TYR A 280 11.41 -0.64 7.03
CA TYR A 280 12.15 0.58 7.26
C TYR A 280 11.35 1.78 6.76
N ILE A 281 11.25 2.81 7.60
CA ILE A 281 10.42 3.97 7.31
C ILE A 281 11.24 5.25 7.20
N ARG A 282 12.20 5.45 8.09
CA ARG A 282 12.96 6.70 8.12
C ARG A 282 14.33 6.48 8.73
N THR A 283 15.20 7.46 8.57
CA THR A 283 16.50 7.49 9.21
C THR A 283 16.44 8.33 10.48
N ASN A 284 17.40 8.09 11.36
CA ASN A 284 17.44 8.75 12.67
C ASN A 284 18.70 9.60 12.77
N ASN A 285 18.94 10.14 13.97
CA ASN A 285 20.06 11.02 14.23
C ASN A 285 21.33 10.28 14.62
N ARG A 286 21.25 8.94 14.73
CA ARG A 286 22.41 8.11 15.14
C ARG A 286 22.96 7.35 13.93
N ASN A 287 22.91 7.94 12.74
CA ASN A 287 23.44 7.33 11.50
C ASN A 287 22.90 5.92 11.33
N GLY A 288 21.63 5.71 11.65
CA GLY A 288 21.00 4.42 11.51
C GLY A 288 19.63 4.51 10.86
N TYR A 289 18.85 3.45 10.96
CA TYR A 289 17.53 3.40 10.32
C TYR A 289 16.50 2.90 11.33
N ASP A 290 15.32 3.51 11.31
CA ASP A 290 14.21 3.11 12.18
C ASP A 290 13.27 2.20 11.41
N TYR A 291 12.86 1.11 12.05
CA TYR A 291 12.04 0.10 11.39
C TYR A 291 10.89 -0.32 12.30
N ALA A 292 9.84 -0.83 11.68
CA ALA A 292 8.69 -1.39 12.38
C ALA A 292 8.58 -2.87 12.04
N GLU A 293 8.41 -3.70 13.06
CA GLU A 293 8.41 -5.15 12.89
C GLU A 293 6.98 -5.68 12.96
N PHE A 294 6.62 -6.51 11.98
CA PHE A 294 5.30 -7.12 11.92
C PHE A 294 5.46 -8.61 11.68
N ASN A 295 4.76 -9.43 12.46
CA ASN A 295 4.87 -10.88 12.36
C ASN A 295 3.50 -11.54 12.46
N LYS A 296 2.51 -10.97 11.77
CA LYS A 296 1.16 -11.51 11.77
C LYS A 296 0.51 -11.29 10.42
N LYS A 297 -0.43 -12.16 10.08
CA LYS A 297 -1.18 -12.02 8.84
C LYS A 297 -2.14 -10.84 8.93
N GLY A 298 -2.28 -10.10 7.84
CA GLY A 298 -3.20 -8.98 7.82
C GLY A 298 -2.71 -7.90 6.88
N ILE A 299 -3.46 -6.80 6.88
CA ILE A 299 -3.14 -5.63 6.07
C ILE A 299 -2.37 -4.65 6.93
N VAL A 300 -1.16 -4.30 6.51
CA VAL A 300 -0.27 -3.43 7.27
C VAL A 300 -0.17 -2.10 6.55
N LYS A 301 -0.50 -1.03 7.27
CA LYS A 301 -0.34 0.35 6.77
C LYS A 301 0.30 1.15 7.89
N VAL A 302 1.50 1.67 7.63
CA VAL A 302 2.28 2.31 8.68
C VAL A 302 1.62 3.62 9.09
N THR A 303 1.30 3.75 10.38
CA THR A 303 0.62 4.92 10.90
C THR A 303 1.55 6.11 11.10
N GLU A 304 2.86 5.89 11.07
CA GLU A 304 3.81 6.95 11.37
C GLU A 304 3.75 8.05 10.31
N ASP A 305 4.06 9.28 10.74
CA ASP A 305 4.02 10.41 9.83
C ASP A 305 5.11 10.28 8.78
N LYS A 306 4.82 10.83 7.60
CA LYS A 306 5.79 10.80 6.51
C LYS A 306 6.94 11.75 6.82
N PRO A 307 8.18 11.28 6.85
CA PRO A 307 9.30 12.18 7.11
C PRO A 307 9.57 13.08 5.92
N ASP A 308 10.54 13.98 6.11
CA ASP A 308 10.93 14.89 5.04
C ASP A 308 11.61 14.12 3.91
N ASN A 309 11.77 14.80 2.77
CA ASN A 309 12.36 14.18 1.60
C ASN A 309 13.82 13.76 1.82
N ASP A 310 14.51 14.35 2.78
CA ASP A 310 15.88 13.99 3.10
C ASP A 310 15.98 12.85 4.10
N LYS A 311 14.84 12.36 4.62
CA LYS A 311 14.88 11.33 5.65
C LYS A 311 13.85 10.23 5.43
N ARG A 312 13.48 9.93 4.19
CA ARG A 312 12.48 8.91 3.90
C ARG A 312 13.14 7.73 3.18
N ILE A 313 12.95 6.53 3.73
CA ILE A 313 13.58 5.31 3.24
C ILE A 313 12.51 4.24 3.09
N HIS A 314 12.53 3.53 1.97
CA HIS A 314 11.55 2.50 1.65
C HIS A 314 12.27 1.17 1.45
N ALA A 315 12.23 0.31 2.48
CA ALA A 315 12.89 -1.00 2.39
C ALA A 315 12.21 -1.96 3.35
N ILE A 316 12.04 -3.20 2.90
CA ILE A 316 11.43 -4.26 3.70
C ILE A 316 12.34 -5.48 3.67
N ARG A 317 12.60 -6.04 4.86
CA ARG A 317 13.47 -7.20 5.02
C ARG A 317 12.68 -8.35 5.64
N LEU A 318 12.71 -9.50 4.99
CA LEU A 318 12.02 -10.69 5.48
C LEU A 318 12.95 -11.49 6.38
N ILE A 319 12.59 -11.63 7.65
CA ILE A 319 13.40 -12.41 8.61
C ILE A 319 12.86 -13.83 8.55
N ASN A 320 13.39 -14.60 7.60
CA ASN A 320 13.03 -16.00 7.45
C ASN A 320 14.21 -16.74 6.82
N TYR A 321 14.20 -18.06 6.97
CA TYR A 321 15.24 -18.92 6.42
C TYR A 321 14.74 -19.77 5.25
N SER A 322 13.50 -19.57 4.81
CA SER A 322 12.97 -20.37 3.70
C SER A 322 13.62 -19.98 2.38
N SER A 323 14.06 -18.73 2.27
CA SER A 323 14.73 -18.27 1.06
C SER A 323 16.08 -18.95 0.90
N ASP A 324 16.44 -19.28 -0.33
CA ASP A 324 17.68 -19.96 -0.61
C ASP A 324 18.87 -19.03 -0.41
N VAL A 325 20.06 -19.62 -0.23
CA VAL A 325 21.27 -18.85 -0.04
C VAL A 325 21.72 -18.19 -1.35
N GLN A 326 21.14 -18.61 -2.48
CA GLN A 326 21.48 -18.00 -3.77
C GLN A 326 21.08 -16.53 -3.82
N HIS A 327 19.93 -16.20 -3.24
CA HIS A 327 19.40 -14.84 -3.24
C HIS A 327 19.12 -14.34 -1.83
N ILE A 328 19.92 -14.77 -0.87
CA ILE A 328 19.75 -14.31 0.51
C ILE A 328 20.57 -13.04 0.78
N HIS A 329 21.45 -12.67 -0.14
CA HIS A 329 22.29 -11.50 0.07
C HIS A 329 21.51 -10.20 -0.05
N PHE A 330 20.31 -10.24 -0.63
CA PHE A 330 19.47 -9.06 -0.75
C PHE A 330 18.99 -8.53 0.59
N GLY A 331 18.94 -9.37 1.62
CA GLY A 331 18.44 -8.95 2.92
C GLY A 331 19.43 -8.25 3.82
N PHE A 332 20.68 -8.12 3.41
CA PHE A 332 21.67 -7.48 4.26
C PHE A 332 21.41 -5.99 4.36
N ARG A 333 21.81 -5.40 5.49
CA ARG A 333 21.44 -4.02 5.80
C ARG A 333 22.07 -3.03 4.82
N ASN A 334 23.35 -3.24 4.47
CA ASN A 334 24.05 -2.28 3.63
C ASN A 334 23.61 -2.32 2.17
N THR A 335 22.88 -3.36 1.76
CA THR A 335 22.39 -3.44 0.39
C THR A 335 20.87 -3.34 0.29
N LEU A 336 20.15 -3.57 1.38
CA LEU A 336 18.71 -3.35 1.38
C LEU A 336 18.38 -1.86 1.31
N ILE A 337 19.24 -1.03 1.88
CA ILE A 337 19.09 0.42 1.87
C ILE A 337 20.29 1.03 1.17
N ILE A 338 20.04 1.87 0.17
CA ILE A 338 21.11 2.47 -0.61
C ILE A 338 21.88 3.45 0.26
N ASP A 339 23.20 3.31 0.30
CA ASP A 339 24.03 4.19 1.11
C ASP A 339 24.04 5.60 0.53
N ASN A 340 24.08 6.58 1.42
CA ASN A 340 24.11 7.98 1.00
C ASN A 340 25.42 8.29 0.26
N GLU A 341 26.54 7.77 0.76
CA GLU A 341 27.81 7.92 0.06
C GLU A 341 27.80 7.11 -1.22
N CYS A 342 28.22 7.73 -2.32
CA CYS A 342 28.17 7.07 -3.62
C CYS A 342 29.16 5.91 -3.69
N THR A 343 30.35 6.08 -3.11
CA THR A 343 31.38 5.04 -3.19
C THR A 343 31.10 3.85 -2.28
N SER A 344 30.18 3.99 -1.33
CA SER A 344 29.86 2.91 -0.41
C SER A 344 28.59 2.15 -0.79
N ILE A 345 28.05 2.41 -1.98
CA ILE A 345 26.84 1.71 -2.41
C ILE A 345 27.19 0.28 -2.78
N GLN A 346 26.46 -0.67 -2.20
CA GLN A 346 26.70 -2.09 -2.43
C GLN A 346 25.54 -2.64 -3.24
N SER A 347 25.84 -3.24 -4.39
CA SER A 347 24.83 -3.82 -5.26
C SER A 347 25.14 -5.26 -5.64
N SER A 348 26.41 -5.60 -5.84
CA SER A 348 26.76 -6.96 -6.21
C SER A 348 26.64 -7.90 -5.02
N ALA A 349 26.43 -9.18 -5.33
CA ALA A 349 26.29 -10.19 -4.28
C ALA A 349 27.59 -10.39 -3.52
N GLU A 350 28.73 -10.37 -4.23
CA GLU A 350 30.02 -10.56 -3.58
C GLU A 350 30.33 -9.41 -2.63
N ASN A 351 30.03 -8.17 -3.03
CA ASN A 351 30.28 -7.00 -2.20
C ASN A 351 28.98 -6.66 -1.47
N ALA A 352 28.72 -7.40 -0.39
CA ALA A 352 27.53 -7.20 0.42
C ALA A 352 27.86 -7.54 1.86
N THR A 353 27.51 -6.64 2.78
CA THR A 353 27.77 -6.82 4.20
C THR A 353 26.52 -6.53 5.00
N ASP A 354 26.40 -7.21 6.14
CA ASP A 354 25.29 -7.00 7.08
C ASP A 354 25.90 -6.60 8.42
N THR A 355 26.13 -5.29 8.58
CA THR A 355 26.73 -4.75 9.79
C THR A 355 26.04 -3.45 10.15
N GLY A 356 26.21 -3.04 11.41
CA GLY A 356 25.68 -1.77 11.86
C GLY A 356 24.25 -1.82 12.36
N HIS A 357 23.82 -2.95 12.93
CA HIS A 357 22.48 -3.03 13.50
C HIS A 357 22.39 -2.29 14.83
N HIS A 358 23.52 -1.93 15.44
CA HIS A 358 23.49 -1.14 16.67
C HIS A 358 22.94 0.25 16.39
N GLN A 359 23.24 0.81 15.22
CA GLN A 359 22.75 2.14 14.86
C GLN A 359 21.25 2.16 14.60
N ASP A 360 20.65 1.01 14.30
CA ASP A 360 19.23 0.94 14.01
C ASP A 360 18.41 1.01 15.29
N SER A 361 17.12 1.29 15.10
CA SER A 361 16.20 1.41 16.25
C SER A 361 14.83 0.86 15.88
N LYS A 362 14.03 0.53 16.87
CA LYS A 362 12.68 0.01 16.69
C LYS A 362 11.66 1.08 17.06
N ILE A 363 10.63 1.24 16.22
CA ILE A 363 9.65 2.29 16.41
C ILE A 363 8.32 1.78 16.94
N ASN A 364 8.01 0.49 16.78
CA ASN A 364 6.75 -0.07 17.24
C ASN A 364 6.89 -0.82 18.57
N ILE A 365 7.75 -0.35 19.47
CA ILE A 365 7.91 -0.99 20.77
C ILE A 365 6.65 -0.79 21.58
N VAL B 2 -7.05 -3.04 27.58
CA VAL B 2 -7.46 -2.07 26.51
C VAL B 2 -8.94 -1.73 26.69
N GLN B 3 -9.26 -0.46 26.94
CA GLN B 3 -10.67 -0.06 27.19
C GLN B 3 -11.07 1.06 26.23
N LEU B 4 -12.33 1.08 25.78
CA LEU B 4 -12.83 2.14 24.91
C LEU B 4 -14.16 2.61 25.47
N VAL B 5 -14.12 3.61 26.33
CA VAL B 5 -15.32 4.16 26.96
C VAL B 5 -15.90 5.22 26.03
N GLN B 6 -17.19 5.08 25.73
CA GLN B 6 -17.88 6.01 24.84
C GLN B 6 -18.79 6.94 25.63
N SER B 7 -19.46 7.83 24.90
CA SER B 7 -20.38 8.78 25.52
C SER B 7 -21.74 8.13 25.75
N GLY B 8 -22.59 8.84 26.49
CA GLY B 8 -23.92 8.33 26.77
C GLY B 8 -24.85 8.46 25.59
N ALA B 9 -26.01 7.81 25.73
CA ALA B 9 -27.00 7.83 24.66
C ALA B 9 -27.58 9.23 24.48
N GLU B 10 -27.72 9.64 23.21
CA GLU B 10 -28.20 10.97 22.87
C GLU B 10 -29.50 10.85 22.09
N VAL B 11 -30.51 11.62 22.49
CA VAL B 11 -31.81 11.64 21.80
C VAL B 11 -31.83 12.93 20.99
N LYS B 12 -31.46 12.82 19.73
CA LYS B 12 -31.39 13.97 18.84
C LYS B 12 -32.66 14.09 18.00
N LYS B 13 -32.78 15.19 17.27
CA LYS B 13 -33.87 15.47 16.37
C LYS B 13 -33.42 15.30 14.92
N PRO B 14 -34.36 15.05 14.00
CA PRO B 14 -33.98 14.99 12.57
C PRO B 14 -33.40 16.32 12.09
N GLY B 15 -32.36 16.22 11.29
CA GLY B 15 -31.66 17.38 10.79
C GLY B 15 -30.61 17.97 11.72
N ALA B 16 -30.43 17.38 12.90
CA ALA B 16 -29.43 17.86 13.85
C ALA B 16 -28.13 17.11 13.65
N SER B 17 -27.19 17.27 14.57
CA SER B 17 -25.89 16.62 14.51
C SER B 17 -25.58 15.96 15.84
N VAL B 18 -24.83 14.86 15.78
CA VAL B 18 -24.45 14.10 16.97
C VAL B 18 -22.94 13.92 16.98
N LYS B 19 -22.33 14.13 18.15
CA LYS B 19 -20.89 13.97 18.33
C LYS B 19 -20.67 12.88 19.36
N VAL B 20 -20.21 11.72 18.91
CA VAL B 20 -20.01 10.55 19.76
C VAL B 20 -18.53 10.46 20.09
N SER B 21 -18.18 10.53 21.37
CA SER B 21 -16.80 10.47 21.78
C SER B 21 -16.38 9.01 22.04
N CYS B 22 -15.07 8.80 22.12
CA CYS B 22 -14.52 7.46 22.35
C CYS B 22 -13.16 7.63 23.03
N LYS B 23 -13.13 7.44 24.34
CA LYS B 23 -11.88 7.59 25.09
C LYS B 23 -11.16 6.25 25.20
N ALA B 24 -9.87 6.26 24.90
CA ALA B 24 -9.05 5.06 24.88
C ALA B 24 -8.08 5.05 26.06
N SER B 25 -7.81 3.85 26.57
CA SER B 25 -6.88 3.68 27.67
C SER B 25 -6.25 2.30 27.58
N GLY B 26 -5.08 2.16 28.19
CA GLY B 26 -4.38 0.89 28.25
C GLY B 26 -3.42 0.63 27.12
N TYR B 27 -3.47 1.41 26.04
CA TYR B 27 -2.60 1.23 24.90
C TYR B 27 -2.21 2.58 24.33
N THR B 28 -1.13 2.58 23.52
CA THR B 28 -0.69 3.80 22.84
C THR B 28 -1.72 4.21 21.80
N PHE B 29 -2.35 5.38 21.99
CA PHE B 29 -3.45 5.79 21.13
C PHE B 29 -2.99 5.98 19.69
N THR B 30 -1.82 6.59 19.50
CA THR B 30 -1.24 6.66 18.18
C THR B 30 -0.65 5.31 17.79
N GLY B 31 -0.81 4.95 16.52
CA GLY B 31 -0.34 3.67 16.02
C GLY B 31 -1.41 2.63 15.82
N TYR B 32 -2.61 2.84 16.37
CA TYR B 32 -3.73 1.92 16.21
C TYR B 32 -4.87 2.66 15.54
N TYR B 33 -5.39 2.11 14.46
CA TYR B 33 -6.51 2.74 13.76
C TYR B 33 -7.78 2.62 14.58
N MET B 34 -8.56 3.69 14.62
CA MET B 34 -9.86 3.72 15.28
C MET B 34 -10.96 3.68 14.23
N HIS B 35 -11.71 2.59 14.20
CA HIS B 35 -12.82 2.43 13.27
C HIS B 35 -14.13 2.76 13.95
N TRP B 36 -15.14 3.07 13.13
CA TRP B 36 -16.48 3.36 13.61
C TRP B 36 -17.46 2.47 12.87
N VAL B 37 -18.08 1.54 13.59
CA VAL B 37 -19.07 0.62 13.03
C VAL B 37 -20.37 0.78 13.82
N ARG B 38 -21.47 0.96 13.11
CA ARG B 38 -22.78 1.10 13.74
C ARG B 38 -23.62 -0.15 13.49
N GLN B 39 -24.60 -0.35 14.37
CA GLN B 39 -25.48 -1.52 14.31
C GLN B 39 -26.91 -1.04 14.51
N ALA B 40 -27.70 -1.08 13.45
CA ALA B 40 -29.10 -0.70 13.55
C ALA B 40 -29.85 -1.72 14.39
N PRO B 41 -30.91 -1.32 15.10
CA PRO B 41 -31.68 -2.29 15.88
C PRO B 41 -32.36 -3.31 14.99
N GLY B 42 -32.09 -4.59 15.25
CA GLY B 42 -32.62 -5.65 14.42
C GLY B 42 -31.90 -5.88 13.11
N GLN B 43 -30.77 -5.21 12.90
CA GLN B 43 -30.03 -5.36 11.65
C GLN B 43 -28.56 -5.68 11.93
N GLY B 44 -27.74 -5.68 10.87
CA GLY B 44 -26.34 -6.03 10.99
C GLY B 44 -25.45 -4.83 11.26
N LEU B 45 -24.17 -4.99 10.93
CA LEU B 45 -23.16 -3.98 11.16
C LEU B 45 -22.85 -3.23 9.87
N GLU B 46 -22.65 -1.93 10.00
CA GLU B 46 -22.32 -1.06 8.87
C GLU B 46 -21.05 -0.29 9.19
N TRP B 47 -20.10 -0.30 8.27
CA TRP B 47 -18.82 0.34 8.48
C TRP B 47 -18.83 1.78 7.99
N MET B 48 -18.29 2.69 8.80
CA MET B 48 -18.31 4.11 8.48
C MET B 48 -16.96 4.69 8.09
N GLY B 49 -15.87 4.18 8.63
CA GLY B 49 -14.56 4.68 8.27
C GLY B 49 -13.58 4.52 9.42
N TRP B 50 -12.32 4.83 9.12
CA TRP B 50 -11.25 4.78 10.11
C TRP B 50 -10.50 6.11 10.14
N ILE B 51 -9.92 6.40 11.30
CA ILE B 51 -9.13 7.61 11.51
C ILE B 51 -7.79 7.22 12.12
N ASN B 52 -6.70 7.73 11.55
CA ASN B 52 -5.37 7.48 12.07
C ASN B 52 -5.03 8.55 13.09
N PRO B 53 -4.89 8.22 14.38
CA PRO B 53 -4.62 9.26 15.38
C PRO B 53 -3.27 9.94 15.24
N ASN B 54 -2.27 9.25 14.70
CA ASN B 54 -0.92 9.82 14.65
C ASN B 54 -0.80 10.90 13.57
N THR B 55 -1.46 10.71 12.43
CA THR B 55 -1.40 11.66 11.33
C THR B 55 -2.63 12.54 11.23
N GLY B 56 -3.82 11.97 11.43
CA GLY B 56 -5.06 12.68 11.27
C GLY B 56 -5.82 12.35 9.99
N GLY B 57 -5.28 11.47 9.15
CA GLY B 57 -5.97 11.11 7.93
C GLY B 57 -7.18 10.22 8.19
N THR B 58 -8.10 10.24 7.23
CA THR B 58 -9.35 9.51 7.35
C THR B 58 -9.69 8.88 6.00
N ASN B 59 -10.54 7.84 6.05
CA ASN B 59 -11.04 7.18 4.84
C ASN B 59 -12.47 6.75 5.14
N TYR B 60 -13.43 7.58 4.72
CA TYR B 60 -14.84 7.32 4.98
C TYR B 60 -15.43 6.43 3.90
N ALA B 61 -16.48 5.71 4.25
CA ALA B 61 -17.23 4.94 3.27
C ALA B 61 -17.99 5.87 2.34
N GLN B 62 -18.29 5.37 1.13
CA GLN B 62 -19.00 6.19 0.15
C GLN B 62 -20.43 6.49 0.58
N LYS B 63 -21.05 5.58 1.33
CA LYS B 63 -22.41 5.82 1.81
C LYS B 63 -22.43 6.97 2.82
N PHE B 64 -21.43 7.03 3.70
CA PHE B 64 -21.34 8.07 4.72
C PHE B 64 -20.43 9.22 4.31
N GLN B 65 -20.29 9.47 3.01
CA GLN B 65 -19.42 10.53 2.51
C GLN B 65 -20.16 11.85 2.53
N GLY B 66 -19.48 12.90 2.99
CA GLY B 66 -20.07 14.21 3.12
C GLY B 66 -20.87 14.44 4.38
N ARG B 67 -20.91 13.46 5.28
CA ARG B 67 -21.65 13.57 6.53
C ARG B 67 -20.85 13.23 7.77
N VAL B 68 -19.69 12.58 7.64
CA VAL B 68 -18.91 12.13 8.78
C VAL B 68 -17.60 12.90 8.81
N THR B 69 -17.28 13.45 9.99
CA THR B 69 -16.01 14.16 10.22
C THR B 69 -15.37 13.54 11.44
N MET B 70 -14.39 12.66 11.23
CA MET B 70 -13.71 11.96 12.32
C MET B 70 -12.48 12.77 12.73
N THR B 71 -12.57 13.37 13.92
CA THR B 71 -11.44 14.14 14.45
C THR B 71 -10.91 13.41 15.65
N ARG B 72 -9.71 13.76 16.10
CA ARG B 72 -9.10 13.16 17.28
C ARG B 72 -8.37 14.22 18.07
N ASP B 73 -8.22 13.98 19.37
CA ASP B 73 -7.45 14.84 20.26
C ASP B 73 -6.49 13.94 21.02
N THR B 74 -5.22 13.95 20.60
CA THR B 74 -4.22 13.03 21.14
C THR B 74 -3.81 13.36 22.57
N SER B 75 -4.23 14.52 23.07
CA SER B 75 -3.87 14.93 24.46
C SER B 75 -4.67 14.09 25.46
N ILE B 76 -5.89 13.67 25.09
CA ILE B 76 -6.74 12.86 26.00
C ILE B 76 -6.92 11.46 25.39
N ASN B 77 -6.21 11.17 24.29
CA ASN B 77 -6.39 9.87 23.59
C ASN B 77 -7.89 9.70 23.27
N THR B 78 -8.56 10.78 22.89
CA THR B 78 -10.01 10.73 22.63
C THR B 78 -10.28 10.80 21.15
N ALA B 79 -11.20 9.96 20.67
CA ALA B 79 -11.59 9.95 19.24
C ALA B 79 -13.01 10.53 19.13
N TYR B 80 -13.22 11.40 18.14
CA TYR B 80 -14.51 12.06 17.96
C TYR B 80 -15.08 11.72 16.58
N MET B 81 -16.37 11.46 16.54
CA MET B 81 -17.10 11.25 15.31
C MET B 81 -18.31 12.18 15.28
N ASP B 82 -18.47 12.90 14.17
CA ASP B 82 -19.57 13.84 14.01
C ASP B 82 -20.39 13.43 12.79
N LEU B 83 -21.69 13.26 12.97
CA LEU B 83 -22.59 12.85 11.90
C LEU B 83 -23.66 13.94 11.73
N SER B 84 -23.64 14.60 10.57
CA SER B 84 -24.58 15.67 10.27
C SER B 84 -25.70 15.15 9.38
N ARG B 85 -26.77 15.95 9.31
CA ARG B 85 -27.99 15.63 8.55
C ARG B 85 -28.57 14.29 8.99
N LEU B 86 -28.90 14.21 10.28
CA LEU B 86 -29.41 12.98 10.88
C LEU B 86 -30.81 12.70 10.36
N ARG B 87 -30.94 11.63 9.56
CA ARG B 87 -32.24 11.18 9.12
C ARG B 87 -32.83 10.19 10.14
N SER B 88 -34.01 9.67 9.82
CA SER B 88 -34.67 8.75 10.73
C SER B 88 -34.04 7.36 10.72
N ASP B 89 -33.23 7.05 9.71
CA ASP B 89 -32.61 5.73 9.64
C ASP B 89 -31.23 5.68 10.28
N ASP B 90 -30.78 6.77 10.89
CA ASP B 90 -29.46 6.81 11.50
C ASP B 90 -29.45 6.34 12.94
N THR B 91 -30.59 5.90 13.47
CA THR B 91 -30.64 5.39 14.83
C THR B 91 -29.95 4.03 14.91
N ALA B 92 -28.84 3.97 15.64
CA ALA B 92 -28.05 2.76 15.74
C ALA B 92 -27.14 2.87 16.96
N VAL B 93 -26.50 1.76 17.29
CA VAL B 93 -25.52 1.72 18.38
C VAL B 93 -24.15 1.92 17.72
N TYR B 94 -23.62 3.14 17.83
CA TYR B 94 -22.36 3.49 17.19
C TYR B 94 -21.21 3.00 18.06
N TYR B 95 -20.45 2.04 17.55
CA TYR B 95 -19.28 1.51 18.23
C TYR B 95 -18.02 2.14 17.67
N CYS B 96 -17.02 2.32 18.53
CA CYS B 96 -15.67 2.63 18.10
C CYS B 96 -14.79 1.41 18.31
N ALA B 97 -14.09 1.00 17.25
CA ALA B 97 -13.38 -0.27 17.24
C ALA B 97 -11.92 -0.01 16.90
N ARG B 98 -11.04 -0.32 17.85
CA ARG B 98 -9.60 -0.26 17.60
C ARG B 98 -9.18 -1.40 16.70
N GLY B 99 -8.13 -1.16 15.92
CA GLY B 99 -7.53 -2.23 15.14
C GLY B 99 -6.95 -3.31 16.03
N TRP B 100 -6.95 -4.53 15.50
CA TRP B 100 -6.60 -5.70 16.30
C TRP B 100 -5.12 -5.79 16.63
N ARG B 101 -4.32 -4.96 15.98
CA ARG B 101 -2.86 -5.00 16.23
C ARG B 101 -2.26 -3.67 15.81
N TYR B 102 -0.95 -3.51 16.00
CA TYR B 102 -0.30 -2.25 15.71
C TYR B 102 -0.29 -1.97 14.21
N SER B 103 -1.03 -0.94 13.81
CA SER B 103 -1.12 -0.49 12.42
C SER B 103 -1.60 -1.60 11.49
N TYR B 104 -2.66 -2.28 11.91
CA TYR B 104 -3.27 -3.35 11.12
C TYR B 104 -4.69 -2.93 10.74
N LEU B 105 -4.88 -2.62 9.45
CA LEU B 105 -6.19 -2.20 8.95
C LEU B 105 -6.96 -3.40 8.40
N ASP B 106 -7.04 -4.45 9.23
CA ASP B 106 -7.68 -5.69 8.80
C ASP B 106 -8.88 -6.04 9.68
N CYS B 107 -8.68 -6.11 10.99
CA CYS B 107 -9.67 -6.61 11.92
C CYS B 107 -9.80 -5.66 13.11
N PHE B 108 -10.93 -5.76 13.80
CA PHE B 108 -11.28 -4.83 14.86
C PHE B 108 -11.32 -5.57 16.20
N ASP B 109 -10.52 -5.10 17.16
CA ASP B 109 -10.53 -5.61 18.53
C ASP B 109 -9.85 -4.60 19.45
N PRO B 110 -10.50 -4.16 20.54
CA PRO B 110 -11.87 -4.48 20.97
C PRO B 110 -12.91 -3.62 20.26
N TRP B 111 -14.12 -3.50 20.83
CA TRP B 111 -15.20 -2.79 20.16
C TRP B 111 -15.86 -1.73 21.03
N GLY B 112 -15.35 -1.47 22.23
CA GLY B 112 -15.92 -0.44 23.07
C GLY B 112 -17.24 -0.83 23.69
N GLN B 113 -18.01 0.20 24.04
CA GLN B 113 -19.31 0.04 24.69
C GLN B 113 -20.48 0.28 23.74
N GLY B 114 -20.49 1.41 23.06
CA GLY B 114 -21.57 1.74 22.15
C GLY B 114 -22.40 2.90 22.65
N THR B 115 -22.96 3.66 21.72
CA THR B 115 -23.79 4.82 22.03
C THR B 115 -25.10 4.68 21.26
N LEU B 116 -26.21 4.68 21.99
CA LEU B 116 -27.53 4.52 21.39
C LEU B 116 -28.05 5.90 20.98
N VAL B 117 -27.66 6.34 19.79
CA VAL B 117 -28.11 7.61 19.24
C VAL B 117 -29.51 7.39 18.68
N ILE B 118 -30.52 7.94 19.33
CA ILE B 118 -31.91 7.78 18.92
C ILE B 118 -32.34 9.07 18.25
N VAL B 119 -32.51 9.02 16.93
CA VAL B 119 -32.96 10.17 16.16
C VAL B 119 -34.47 10.02 15.95
N SER B 120 -35.24 10.87 16.60
CA SER B 120 -36.70 10.80 16.50
C SER B 120 -37.28 12.18 16.71
N SER B 121 -38.52 12.35 16.26
CA SER B 121 -39.23 13.62 16.36
C SER B 121 -40.22 13.67 17.52
N ALA B 122 -40.18 12.69 18.42
CA ALA B 122 -41.10 12.66 19.55
C ALA B 122 -40.72 13.71 20.59
N ALA C 1 -19.50 -2.66 -3.65
CA ALA C 1 -19.40 -3.29 -2.35
C ALA C 1 -19.47 -4.81 -2.47
N ILE C 2 -18.57 -5.50 -1.79
CA ILE C 2 -18.53 -6.96 -1.81
C ILE C 2 -19.50 -7.47 -0.73
N GLN C 3 -20.62 -8.02 -1.17
CA GLN C 3 -21.65 -8.50 -0.25
C GLN C 3 -21.21 -9.83 0.35
N MET C 4 -21.37 -9.96 1.66
CA MET C 4 -21.08 -11.20 2.37
C MET C 4 -22.39 -11.89 2.73
N THR C 5 -22.50 -13.17 2.40
CA THR C 5 -23.72 -13.94 2.63
C THR C 5 -23.39 -15.12 3.53
N GLN C 6 -24.11 -15.24 4.65
CA GLN C 6 -23.93 -16.34 5.57
C GLN C 6 -25.11 -17.31 5.43
N SER C 7 -24.81 -18.58 5.16
CA SER C 7 -25.88 -19.52 4.83
C SER C 7 -26.67 -19.96 6.05
N PRO C 8 -26.06 -20.54 7.12
CA PRO C 8 -26.94 -21.01 8.22
C PRO C 8 -27.38 -19.90 9.17
N SER C 9 -28.44 -19.18 8.75
CA SER C 9 -28.90 -18.02 9.51
C SER C 9 -29.41 -18.40 10.89
N SER C 10 -29.92 -19.62 11.06
CA SER C 10 -30.32 -20.14 12.36
C SER C 10 -29.88 -21.59 12.46
N VAL C 11 -28.93 -21.86 13.34
CA VAL C 11 -28.34 -23.18 13.51
C VAL C 11 -28.59 -23.62 14.94
N SER C 12 -29.60 -24.45 15.16
CA SER C 12 -29.84 -25.02 16.47
C SER C 12 -28.84 -26.13 16.76
N ALA C 13 -28.34 -26.17 17.99
CA ALA C 13 -27.34 -27.15 18.37
C ALA C 13 -27.38 -27.33 19.89
N SER C 14 -26.74 -28.39 20.35
CA SER C 14 -26.69 -28.72 21.76
C SER C 14 -25.25 -28.69 22.24
N VAL C 15 -25.08 -28.78 23.56
CA VAL C 15 -23.75 -28.79 24.15
C VAL C 15 -23.05 -30.09 23.80
N GLY C 16 -21.92 -30.00 23.10
CA GLY C 16 -21.19 -31.18 22.69
C GLY C 16 -21.40 -31.60 21.25
N ASP C 17 -21.66 -30.65 20.35
CA ASP C 17 -21.88 -30.93 18.94
C ASP C 17 -20.89 -30.14 18.11
N ARG C 18 -20.95 -30.35 16.79
CA ARG C 18 -20.09 -29.67 15.83
C ARG C 18 -20.97 -28.78 14.97
N VAL C 19 -20.65 -27.49 14.92
CA VAL C 19 -21.41 -26.51 14.17
C VAL C 19 -20.52 -25.92 13.09
N THR C 20 -21.07 -25.77 11.88
CA THR C 20 -20.34 -25.23 10.74
C THR C 20 -21.08 -24.01 10.21
N ILE C 21 -20.35 -22.91 10.06
CA ILE C 21 -20.89 -21.66 9.53
C ILE C 21 -20.13 -21.32 8.25
N THR C 22 -20.86 -21.07 7.17
CA THR C 22 -20.29 -20.82 5.86
C THR C 22 -20.57 -19.39 5.44
N CYS C 23 -19.52 -18.70 4.98
CA CYS C 23 -19.65 -17.28 4.55
C CYS C 23 -19.11 -17.14 3.12
N ARG C 24 -19.99 -17.02 2.13
CA ARG C 24 -19.61 -16.89 0.73
C ARG C 24 -19.59 -15.41 0.33
N ALA C 25 -18.55 -15.02 -0.40
CA ALA C 25 -18.39 -13.66 -0.86
C ALA C 25 -18.75 -13.55 -2.34
N SER C 26 -19.30 -12.39 -2.70
CA SER C 26 -19.67 -12.15 -4.10
C SER C 26 -18.44 -12.11 -5.01
N GLN C 27 -17.36 -11.49 -4.53
CA GLN C 27 -16.11 -11.40 -5.28
C GLN C 27 -14.99 -11.97 -4.43
N GLY C 28 -13.88 -12.30 -5.08
CA GLY C 28 -12.71 -12.82 -4.39
C GLY C 28 -12.12 -11.85 -3.39
N ILE C 29 -12.00 -12.28 -2.14
CA ILE C 29 -11.52 -11.42 -1.06
C ILE C 29 -10.24 -11.95 -0.44
N SER C 30 -9.55 -12.82 -1.20
CA SER C 30 -8.29 -13.43 -0.72
C SER C 30 -8.53 -14.19 0.60
N ILE C 31 -7.63 -14.04 1.55
CA ILE C 31 -7.75 -14.72 2.84
C ILE C 31 -8.22 -13.74 3.90
N TRP C 32 -8.66 -12.54 3.48
CA TRP C 32 -9.01 -11.48 4.40
C TRP C 32 -10.47 -11.62 4.81
N LEU C 33 -10.69 -12.44 5.84
CA LEU C 33 -11.99 -12.59 6.46
C LEU C 33 -11.80 -12.66 7.98
N ALA C 34 -12.66 -11.97 8.71
CA ALA C 34 -12.60 -11.93 10.17
C ALA C 34 -13.94 -12.39 10.72
N TRP C 35 -13.91 -13.31 11.69
CA TRP C 35 -15.11 -13.80 12.33
C TRP C 35 -15.28 -13.15 13.69
N TYR C 36 -16.50 -12.72 14.00
CA TYR C 36 -16.82 -12.06 15.24
C TYR C 36 -17.85 -12.86 16.02
N GLN C 37 -18.01 -12.50 17.30
CA GLN C 37 -18.96 -13.15 18.20
C GLN C 37 -19.62 -12.07 19.05
N GLN C 38 -20.91 -11.87 18.86
CA GLN C 38 -21.66 -10.83 19.56
C GLN C 38 -22.75 -11.47 20.41
N LYS C 39 -22.49 -11.58 21.71
CA LYS C 39 -23.54 -11.95 22.64
C LYS C 39 -24.54 -10.80 22.77
N PRO C 40 -25.81 -11.10 23.05
CA PRO C 40 -26.81 -10.03 23.16
C PRO C 40 -26.47 -9.04 24.27
N GLY C 41 -26.69 -7.76 23.97
CA GLY C 41 -26.43 -6.70 24.92
C GLY C 41 -24.97 -6.37 25.15
N LYS C 42 -24.06 -6.86 24.31
CA LYS C 42 -22.64 -6.63 24.48
C LYS C 42 -21.99 -6.36 23.13
N ALA C 43 -20.78 -5.81 23.18
CA ALA C 43 -20.05 -5.49 21.97
C ALA C 43 -19.53 -6.76 21.30
N PRO C 44 -19.36 -6.73 19.97
CA PRO C 44 -18.78 -7.89 19.29
C PRO C 44 -17.34 -8.14 19.69
N LYS C 45 -16.93 -9.40 19.63
CA LYS C 45 -15.58 -9.82 20.00
C LYS C 45 -14.98 -10.60 18.84
N LEU C 46 -13.78 -10.22 18.43
CA LEU C 46 -13.08 -10.92 17.36
C LEU C 46 -12.61 -12.29 17.85
N LEU C 47 -12.74 -13.29 16.99
CA LEU C 47 -12.29 -14.64 17.33
C LEU C 47 -11.29 -15.23 16.35
N ILE C 48 -11.43 -15.00 15.04
CA ILE C 48 -10.48 -15.51 14.06
C ILE C 48 -10.15 -14.45 13.04
N ASN C 49 -8.87 -14.20 12.80
CA ASN C 49 -8.40 -13.25 11.80
C ASN C 49 -7.71 -13.99 10.67
N ALA C 50 -7.73 -13.37 9.49
CA ALA C 50 -7.13 -13.90 8.25
C ALA C 50 -7.68 -15.28 7.87
N ALA C 51 -8.88 -15.61 8.36
CA ALA C 51 -9.66 -16.79 8.00
C ALA C 51 -9.02 -18.11 8.44
N SER C 52 -7.81 -18.07 9.00
CA SER C 52 -7.17 -19.28 9.49
C SER C 52 -6.38 -19.09 10.77
N SER C 53 -6.37 -17.90 11.36
CA SER C 53 -5.53 -17.59 12.52
C SER C 53 -6.43 -17.27 13.71
N LEU C 54 -6.23 -17.97 14.81
CA LEU C 54 -6.98 -17.70 16.03
C LEU C 54 -6.35 -16.55 16.79
N GLN C 55 -7.18 -15.63 17.27
CA GLN C 55 -6.70 -14.54 18.10
C GLN C 55 -6.37 -15.04 19.50
N SER C 56 -5.56 -14.27 20.22
CA SER C 56 -5.17 -14.63 21.58
C SER C 56 -6.38 -14.57 22.51
N GLY C 57 -6.53 -15.59 23.34
CA GLY C 57 -7.65 -15.70 24.26
C GLY C 57 -8.82 -16.50 23.73
N VAL C 58 -8.85 -16.75 22.43
CA VAL C 58 -9.93 -17.55 21.84
C VAL C 58 -9.65 -19.03 22.10
N PRO C 59 -10.64 -19.80 22.53
CA PRO C 59 -10.40 -21.24 22.78
C PRO C 59 -10.06 -21.98 21.50
N SER C 60 -9.32 -23.08 21.67
CA SER C 60 -8.81 -23.83 20.53
C SER C 60 -9.91 -24.59 19.78
N ARG C 61 -11.13 -24.65 20.33
CA ARG C 61 -12.20 -25.36 19.64
C ARG C 61 -12.62 -24.65 18.36
N PHE C 62 -12.47 -23.33 18.32
CA PHE C 62 -12.72 -22.60 17.09
C PHE C 62 -11.61 -22.88 16.08
N SER C 63 -11.99 -23.02 14.81
CA SER C 63 -11.02 -23.34 13.76
C SER C 63 -11.60 -22.89 12.42
N GLY C 64 -10.93 -21.95 11.77
CA GLY C 64 -11.40 -21.45 10.49
C GLY C 64 -10.58 -21.96 9.32
N SER C 65 -11.19 -21.90 8.13
CA SER C 65 -10.54 -22.33 6.91
C SER C 65 -11.25 -21.69 5.72
N GLY C 66 -10.54 -21.60 4.61
CA GLY C 66 -11.14 -21.10 3.38
C GLY C 66 -10.27 -20.12 2.61
N SER C 67 -10.54 -19.98 1.32
CA SER C 67 -9.83 -19.03 0.47
C SER C 67 -10.74 -18.69 -0.70
N GLY C 68 -10.47 -17.54 -1.31
CA GLY C 68 -11.26 -17.08 -2.43
C GLY C 68 -12.64 -16.61 -2.02
N THR C 69 -13.67 -17.37 -2.40
CA THR C 69 -15.05 -17.01 -2.10
C THR C 69 -15.77 -18.02 -1.21
N ASP C 70 -15.06 -18.99 -0.63
CA ASP C 70 -15.65 -19.97 0.26
C ASP C 70 -14.88 -19.98 1.57
N PHE C 71 -15.62 -19.92 2.68
CA PHE C 71 -15.02 -19.90 4.00
C PHE C 71 -15.87 -20.72 4.97
N THR C 72 -15.25 -21.14 6.07
CA THR C 72 -15.91 -22.04 7.01
C THR C 72 -15.37 -21.79 8.41
N LEU C 73 -16.28 -21.56 9.35
CA LEU C 73 -15.96 -21.49 10.77
C LEU C 73 -16.49 -22.74 11.45
N THR C 74 -15.63 -23.46 12.16
CA THR C 74 -15.95 -24.76 12.73
C THR C 74 -15.73 -24.74 14.23
N ILE C 75 -16.71 -25.24 14.97
CA ILE C 75 -16.60 -25.44 16.41
C ILE C 75 -16.52 -26.94 16.67
N SER C 76 -15.41 -27.39 17.23
CA SER C 76 -15.19 -28.83 17.41
C SER C 76 -16.14 -29.40 18.45
N SER C 77 -16.25 -28.76 19.61
CA SER C 77 -17.15 -29.18 20.67
C SER C 77 -17.84 -27.95 21.23
N LEU C 78 -19.15 -27.85 21.06
CA LEU C 78 -19.90 -26.68 21.48
C LEU C 78 -19.96 -26.61 23.00
N GLN C 79 -19.91 -25.39 23.52
CA GLN C 79 -19.94 -25.09 24.95
C GLN C 79 -21.09 -24.15 25.24
N PRO C 80 -21.58 -24.12 26.49
CA PRO C 80 -22.72 -23.23 26.82
C PRO C 80 -22.42 -21.76 26.65
N GLU C 81 -21.15 -21.35 26.60
CA GLU C 81 -20.79 -19.95 26.44
C GLU C 81 -20.59 -19.56 24.97
N ASP C 82 -20.88 -20.46 24.04
CA ASP C 82 -20.67 -20.21 22.62
C ASP C 82 -21.96 -19.87 21.89
N PHE C 83 -23.06 -19.68 22.60
CA PHE C 83 -24.35 -19.35 21.97
C PHE C 83 -24.43 -17.84 21.82
N ALA C 84 -24.17 -17.35 20.61
CA ALA C 84 -24.19 -15.92 20.32
C ALA C 84 -24.44 -15.74 18.82
N THR C 85 -24.24 -14.51 18.34
CA THR C 85 -24.41 -14.18 16.93
C THR C 85 -23.03 -13.97 16.32
N TYR C 86 -22.79 -14.61 15.17
CA TYR C 86 -21.48 -14.61 14.53
C TYR C 86 -21.55 -13.85 13.22
N TYR C 87 -20.55 -13.01 12.97
CA TYR C 87 -20.49 -12.17 11.78
C TYR C 87 -19.18 -12.38 11.05
N CYS C 88 -19.23 -12.21 9.72
CA CYS C 88 -18.03 -12.17 8.90
C CYS C 88 -17.63 -10.72 8.64
N GLN C 89 -16.41 -10.54 8.11
CA GLN C 89 -15.94 -9.22 7.76
C GLN C 89 -14.84 -9.35 6.70
N GLN C 90 -15.09 -8.82 5.52
CA GLN C 90 -14.09 -8.80 4.46
C GLN C 90 -13.32 -7.48 4.50
N ALA C 91 -12.07 -7.54 4.05
CA ALA C 91 -11.20 -6.37 4.08
C ALA C 91 -10.41 -6.18 2.79
N ASN C 92 -10.70 -6.94 1.74
CA ASN C 92 -9.94 -6.80 0.49
C ASN C 92 -10.26 -5.50 -0.22
N SER C 93 -11.54 -5.12 -0.25
CA SER C 93 -11.96 -3.91 -0.95
C SER C 93 -12.85 -3.06 -0.05
N PHE C 94 -12.58 -1.76 -0.03
CA PHE C 94 -13.39 -0.84 0.73
C PHE C 94 -14.76 -0.67 0.08
N PRO C 95 -15.82 -0.48 0.88
CA PRO C 95 -15.87 -0.46 2.35
C PRO C 95 -15.87 -1.86 2.95
N TYR C 96 -15.50 -2.00 4.21
CA TYR C 96 -15.45 -3.30 4.87
C TYR C 96 -16.87 -3.73 5.20
N THR C 97 -17.42 -4.62 4.38
CA THR C 97 -18.81 -5.04 4.53
C THR C 97 -18.88 -6.27 5.44
N PHE C 98 -19.79 -6.23 6.41
CA PHE C 98 -20.00 -7.34 7.33
C PHE C 98 -21.02 -8.32 6.73
N GLY C 99 -21.42 -9.31 7.52
CA GLY C 99 -22.43 -10.25 7.13
C GLY C 99 -23.75 -10.01 7.86
N GLN C 100 -24.74 -10.81 7.49
CA GLN C 100 -26.07 -10.68 8.11
C GLN C 100 -26.06 -11.20 9.54
N GLY C 101 -25.42 -12.34 9.77
CA GLY C 101 -25.31 -12.89 11.11
C GLY C 101 -25.91 -14.28 11.24
N THR C 102 -25.25 -15.12 12.03
CA THR C 102 -25.71 -16.47 12.32
C THR C 102 -25.83 -16.63 13.82
N LYS C 103 -27.00 -17.08 14.28
CA LYS C 103 -27.28 -17.20 15.71
C LYS C 103 -27.37 -18.66 16.10
N LEU C 104 -26.75 -19.00 17.22
CA LEU C 104 -26.81 -20.35 17.77
C LEU C 104 -27.81 -20.39 18.91
N GLU C 105 -28.66 -21.41 18.91
CA GLU C 105 -29.69 -21.58 19.92
C GLU C 105 -29.62 -23.00 20.49
N ILE C 106 -30.11 -23.15 21.71
CA ILE C 106 -30.09 -24.43 22.39
C ILE C 106 -31.24 -25.30 21.91
#